data_7XJF
#
_entry.id   7XJF
#
_cell.length_a   60.830
_cell.length_b   100.480
_cell.length_c   163.320
_cell.angle_alpha   90.000
_cell.angle_beta   90.000
_cell.angle_gamma   90.000
#
_symmetry.space_group_name_H-M   'P 21 21 21'
#
loop_
_entity.id
_entity.type
_entity.pdbx_description
1 polymer 'Heavy chain of 6MW3211 Fab'
2 polymer 'Light chain of 6MW3211 Fab'
3 polymer 'Leukocyte surface antigen CD47'
4 branched 2-acetamido-2-deoxy-beta-D-glucopyranose-(1-4)-[alpha-L-fucopyranose-(1-6)]2-acetamido-2-deoxy-beta-D-glucopyranose
5 branched alpha-L-fucopyranose-(1-6)-2-acetamido-2-deoxy-beta-D-glucopyranose
6 non-polymer 'CHLORIDE ION'
7 non-polymer 2-acetamido-2-deoxy-beta-D-glucopyranose
8 water water
#
loop_
_entity_poly.entity_id
_entity_poly.type
_entity_poly.pdbx_seq_one_letter_code
_entity_poly.pdbx_strand_id
1 'polypeptide(L)'
;EVQLVQSGAEVKKPGASVKVSCKASGYKFTNYVMSWVRQAPGQRLEWMGYINPYNDAIKYNEKFTGRVTITRDTSASTAY
MELSSLRSEDTAVYYCAREGDFYANYGRLGFAYWGQGTLVTVSSASTKGPSVFPLAPSSKSTSGGTAALGCLVKDYFPEP
VTVSWNSGALTSGVHTFPAVLQSSGLYSLSSVVTVPSSSLGTQTYICNVNHKPSNTKVDKKVEPKSC
;
A
2 'polypeptide(L)'
;DIQMTQSPSSLSASVGDRVTITCRASQDISNYLNWYQQKPGKAPKLLLYYTSRLHSGVPSRFSGSGSGTDYTLTISSLQP
EDFATYFCQQGAGFPYTFGGGTKVEIKRTVAAPSVFIFPPSDEQLKSGTASVVCLLNNFYPREAKVQWKVDNALQSGNSQ
ESVTEQDSKDSTYSLSSTLTLSKADYEKHKVYACEVTHQGLSSPVTKSFNRGEC
;
B
3 'polypeptide(L)'
;QLLFNKTKSVEFTFGNDTVVIPCFVTNMEAQNTTEVYVKWKFKGRDIYTFDGALNKSTVPTDFSSAKIEVSQLLKGDASL
KMDKSDAVSHTGNYTCEVTELTREGETIIELKYRVV
;
C
#
loop_
_chem_comp.id
_chem_comp.type
_chem_comp.name
_chem_comp.formula
CL non-polymer 'CHLORIDE ION' 'Cl -1'
FUC L-saccharide, alpha linking alpha-L-fucopyranose 'C6 H12 O5'
NAG D-saccharide, beta linking 2-acetamido-2-deoxy-beta-D-glucopyranose 'C8 H15 N O6'
#
# COMPACT_ATOMS: atom_id res chain seq x y z
N GLU A 1 -1.88 -7.95 -16.41
CA GLU A 1 -1.90 -7.53 -15.02
C GLU A 1 -2.54 -6.15 -14.87
N VAL A 2 -3.32 -5.99 -13.79
CA VAL A 2 -3.80 -4.66 -13.42
C VAL A 2 -2.65 -3.83 -12.90
N GLN A 3 -2.63 -2.55 -13.26
CA GLN A 3 -1.54 -1.68 -12.85
C GLN A 3 -2.05 -0.26 -12.71
N LEU A 4 -1.76 0.34 -11.56
CA LEU A 4 -2.09 1.74 -11.28
C LEU A 4 -0.78 2.50 -11.08
N VAL A 5 -0.49 3.42 -12.00
CA VAL A 5 0.76 4.17 -12.00
C VAL A 5 0.43 5.63 -11.76
N GLN A 6 1.01 6.21 -10.71
CA GLN A 6 0.70 7.57 -10.29
C GLN A 6 1.83 8.52 -10.67
N SER A 7 1.50 9.81 -10.67
CA SER A 7 2.47 10.84 -10.98
C SER A 7 3.49 10.98 -9.85
N GLY A 8 4.57 11.74 -10.15
CA GLY A 8 5.68 11.84 -9.24
C GLY A 8 5.39 12.67 -7.99
N ALA A 9 6.30 12.56 -7.02
CA ALA A 9 6.20 13.34 -5.80
C ALA A 9 6.41 14.82 -6.08
N GLU A 10 5.78 15.65 -5.25
CA GLU A 10 5.81 17.09 -5.43
C GLU A 10 5.92 17.77 -4.07
N VAL A 11 6.50 18.97 -4.08
CA VAL A 11 6.47 19.87 -2.93
C VAL A 11 5.64 21.10 -3.33
N LYS A 12 4.76 21.53 -2.44
CA LYS A 12 3.87 22.65 -2.68
C LYS A 12 3.92 23.60 -1.50
N LYS A 13 3.90 24.91 -1.79
CA LYS A 13 3.85 25.89 -0.74
C LYS A 13 2.47 25.89 -0.08
N PRO A 14 2.39 26.17 1.21
CA PRO A 14 1.10 26.14 1.89
C PRO A 14 0.11 27.12 1.24
N GLY A 15 -1.12 26.66 1.05
CA GLY A 15 -2.15 27.40 0.36
C GLY A 15 -2.31 27.02 -1.11
N ALA A 16 -1.25 26.56 -1.75
CA ALA A 16 -1.33 26.15 -3.15
C ALA A 16 -2.17 24.87 -3.28
N SER A 17 -2.19 24.31 -4.49
CA SER A 17 -2.94 23.09 -4.76
C SER A 17 -2.05 22.08 -5.48
N VAL A 18 -2.45 20.81 -5.38
CA VAL A 18 -1.75 19.71 -6.02
C VAL A 18 -2.77 18.88 -6.79
N LYS A 19 -2.32 18.29 -7.89
CA LYS A 19 -3.15 17.39 -8.68
C LYS A 19 -2.36 16.11 -8.94
N VAL A 20 -2.73 15.04 -8.26
CA VAL A 20 -2.12 13.73 -8.46
C VAL A 20 -2.91 12.99 -9.53
N SER A 21 -2.21 12.35 -10.46
CA SER A 21 -2.85 11.57 -11.49
C SER A 21 -2.62 10.09 -11.23
N CYS A 22 -3.44 9.26 -11.90
CA CYS A 22 -3.38 7.82 -11.70
C CYS A 22 -3.82 7.16 -13.00
N LYS A 23 -2.85 6.61 -13.75
CA LYS A 23 -3.14 5.95 -15.02
C LYS A 23 -3.36 4.45 -14.79
N ALA A 24 -4.53 3.96 -15.19
CA ALA A 24 -4.88 2.55 -15.07
C ALA A 24 -4.59 1.81 -16.37
N SER A 25 -4.17 0.54 -16.22
CA SER A 25 -3.94 -0.30 -17.38
C SER A 25 -4.08 -1.76 -16.97
N GLY A 26 -4.31 -2.61 -17.95
CA GLY A 26 -4.54 -4.02 -17.72
C GLY A 26 -5.98 -4.43 -17.55
N TYR A 27 -6.93 -3.50 -17.76
CA TYR A 27 -8.35 -3.78 -17.63
C TYR A 27 -9.10 -2.63 -18.27
N LYS A 28 -10.42 -2.76 -18.35
CA LYS A 28 -11.27 -1.75 -18.97
C LYS A 28 -11.51 -0.63 -17.97
N PHE A 29 -11.00 0.57 -18.28
CA PHE A 29 -10.93 1.65 -17.30
C PHE A 29 -12.30 2.00 -16.71
N THR A 30 -13.35 1.99 -17.53
CA THR A 30 -14.64 2.43 -17.04
C THR A 30 -15.34 1.37 -16.18
N ASN A 31 -14.84 0.14 -16.15
CA ASN A 31 -15.54 -0.95 -15.47
C ASN A 31 -15.44 -0.89 -13.95
N TYR A 32 -14.58 -0.05 -13.37
CA TYR A 32 -14.36 -0.10 -11.92
C TYR A 32 -14.23 1.30 -11.34
N VAL A 33 -14.74 1.45 -10.12
CA VAL A 33 -14.61 2.71 -9.40
C VAL A 33 -13.16 2.94 -9.01
N MET A 34 -12.70 4.18 -9.18
CA MET A 34 -11.37 4.58 -8.72
C MET A 34 -11.52 5.36 -7.42
N SER A 35 -10.91 4.86 -6.35
CA SER A 35 -10.93 5.52 -5.05
C SER A 35 -9.57 6.15 -4.76
N TRP A 36 -9.57 7.04 -3.77
CA TRP A 36 -8.36 7.72 -3.33
C TRP A 36 -8.25 7.64 -1.82
N VAL A 37 -7.08 7.22 -1.35
CA VAL A 37 -6.78 7.09 0.07
C VAL A 37 -5.42 7.71 0.31
N ARG A 38 -5.28 8.45 1.41
CA ARG A 38 -4.01 9.07 1.75
C ARG A 38 -3.51 8.58 3.10
N GLN A 39 -2.20 8.70 3.29
CA GLN A 39 -1.54 8.22 4.50
C GLN A 39 -0.44 9.20 4.86
N ALA A 40 -0.63 9.95 5.93
CA ALA A 40 0.44 10.81 6.41
C ALA A 40 1.53 9.96 7.06
N PRO A 41 2.80 10.32 6.88
CA PRO A 41 3.90 9.47 7.39
C PRO A 41 3.77 9.29 8.89
N GLY A 42 3.62 8.04 9.32
CA GLY A 42 3.44 7.71 10.71
C GLY A 42 2.00 7.63 11.17
N GLN A 43 1.05 8.02 10.33
CA GLN A 43 -0.37 7.94 10.67
CA GLN A 43 -0.38 7.94 10.65
C GLN A 43 -1.04 6.82 9.87
N ARG A 44 -2.31 6.62 10.13
CA ARG A 44 -3.11 5.59 9.47
C ARG A 44 -3.66 6.12 8.15
N LEU A 45 -4.11 5.20 7.30
CA LEU A 45 -4.73 5.61 6.05
C LEU A 45 -6.08 6.24 6.32
N GLU A 46 -6.49 7.15 5.43
CA GLU A 46 -7.82 7.74 5.52
C GLU A 46 -8.42 7.86 4.13
N TRP A 47 -9.68 7.45 4.01
CA TRP A 47 -10.41 7.52 2.77
C TRP A 47 -10.68 8.96 2.38
N MET A 48 -10.49 9.27 1.11
CA MET A 48 -10.74 10.61 0.59
C MET A 48 -11.97 10.70 -0.29
N GLY A 49 -12.23 9.69 -1.10
CA GLY A 49 -13.36 9.73 -2.01
C GLY A 49 -13.13 8.81 -3.19
N TYR A 50 -14.13 8.78 -4.07
CA TYR A 50 -14.07 7.93 -5.26
C TYR A 50 -14.69 8.65 -6.43
N ILE A 51 -14.58 8.01 -7.60
CA ILE A 51 -15.28 8.42 -8.81
C ILE A 51 -15.68 7.16 -9.56
N ASN A 52 -16.92 7.13 -10.04
CA ASN A 52 -17.37 6.10 -10.96
C ASN A 52 -17.05 6.56 -12.37
N PRO A 53 -16.02 6.01 -13.03
CA PRO A 53 -15.69 6.50 -14.37
C PRO A 53 -16.80 6.31 -15.39
N TYR A 54 -17.78 5.44 -15.12
CA TYR A 54 -18.86 5.22 -16.06
C TYR A 54 -19.82 6.41 -16.09
N ASN A 55 -20.42 6.74 -14.94
CA ASN A 55 -21.41 7.80 -14.88
C ASN A 55 -20.86 9.09 -14.26
N ASP A 56 -19.57 9.15 -13.98
CA ASP A 56 -18.90 10.35 -13.47
C ASP A 56 -19.41 10.77 -12.09
N ALA A 57 -20.12 9.88 -11.39
CA ALA A 57 -20.53 10.19 -10.03
C ALA A 57 -19.33 10.21 -9.10
N ILE A 58 -19.38 11.07 -8.10
CA ILE A 58 -18.28 11.21 -7.15
C ILE A 58 -18.84 11.32 -5.73
N LYS A 59 -18.03 10.90 -4.77
CA LYS A 59 -18.32 11.08 -3.36
C LYS A 59 -17.04 11.45 -2.64
N TYR A 60 -17.14 12.40 -1.71
CA TYR A 60 -15.99 12.92 -1.00
C TYR A 60 -16.13 12.67 0.49
N ASN A 61 -14.98 12.61 1.17
CA ASN A 61 -14.99 12.65 2.62
C ASN A 61 -15.37 14.06 3.06
N GLU A 62 -16.15 14.15 4.15
CA GLU A 62 -16.58 15.45 4.65
C GLU A 62 -15.40 16.34 5.01
N LYS A 63 -14.28 15.73 5.40
CA LYS A 63 -13.11 16.50 5.83
C LYS A 63 -12.48 17.30 4.70
N PHE A 64 -12.67 16.88 3.45
CA PHE A 64 -11.99 17.50 2.32
C PHE A 64 -12.94 18.26 1.39
N THR A 65 -14.24 18.26 1.68
CA THR A 65 -15.20 18.97 0.83
C THR A 65 -14.82 20.44 0.71
N GLY A 66 -14.91 20.96 -0.51
CA GLY A 66 -14.46 22.29 -0.82
C GLY A 66 -13.03 22.37 -1.29
N ARG A 67 -12.22 21.34 -1.01
CA ARG A 67 -10.81 21.30 -1.37
C ARG A 67 -10.48 20.20 -2.36
N VAL A 68 -11.12 19.05 -2.26
CA VAL A 68 -10.79 17.90 -3.08
C VAL A 68 -11.67 17.87 -4.32
N THR A 69 -11.09 17.41 -5.42
CA THR A 69 -11.82 17.28 -6.68
C THR A 69 -11.29 16.05 -7.40
N ILE A 70 -12.15 15.05 -7.55
CA ILE A 70 -11.79 13.83 -8.27
C ILE A 70 -12.40 13.90 -9.65
N THR A 71 -11.60 13.60 -10.68
CA THR A 71 -12.03 13.67 -12.06
C THR A 71 -11.41 12.50 -12.81
N ARG A 72 -11.90 12.24 -14.01
CA ARG A 72 -11.39 11.16 -14.83
C ARG A 72 -11.37 11.57 -16.29
N ASP A 73 -10.39 11.03 -17.02
CA ASP A 73 -10.25 11.18 -18.47
C ASP A 73 -10.35 9.78 -19.05
N THR A 74 -11.53 9.45 -19.57
CA THR A 74 -11.79 8.07 -19.99
C THR A 74 -10.86 7.63 -21.10
N SER A 75 -10.61 8.50 -22.07
CA SER A 75 -9.72 8.15 -23.18
C SER A 75 -8.29 7.92 -22.70
N ALA A 76 -7.89 8.60 -21.62
CA ALA A 76 -6.54 8.47 -21.08
C ALA A 76 -6.41 7.36 -20.04
N SER A 77 -7.53 6.73 -19.66
CA SER A 77 -7.54 5.74 -18.58
C SER A 77 -6.89 6.31 -17.31
N THR A 78 -7.31 7.53 -16.96
CA THR A 78 -6.63 8.27 -15.89
C THR A 78 -7.65 8.94 -14.99
N ALA A 79 -7.52 8.70 -13.69
CA ALA A 79 -8.24 9.45 -12.68
C ALA A 79 -7.31 10.49 -12.06
N TYR A 80 -7.91 11.54 -11.53
CA TYR A 80 -7.16 12.64 -10.94
C TYR A 80 -7.76 13.00 -9.60
N MET A 81 -6.90 13.29 -8.65
CA MET A 81 -7.28 13.87 -7.37
C MET A 81 -6.60 15.23 -7.28
N GLU A 82 -7.38 16.27 -7.02
CA GLU A 82 -6.83 17.61 -6.86
C GLU A 82 -7.24 18.16 -5.50
N LEU A 83 -6.26 18.40 -4.64
CA LEU A 83 -6.46 19.00 -3.33
C LEU A 83 -5.96 20.43 -3.36
N SER A 84 -6.75 21.34 -2.79
CA SER A 84 -6.40 22.75 -2.80
C SER A 84 -6.35 23.28 -1.37
N SER A 85 -5.89 24.53 -1.25
CA SER A 85 -5.68 25.17 0.04
C SER A 85 -4.86 24.28 0.96
N LEU A 86 -3.69 23.90 0.46
CA LEU A 86 -2.87 22.90 1.13
C LEU A 86 -2.31 23.44 2.45
N ARG A 87 -2.35 22.58 3.46
CA ARG A 87 -1.77 22.82 4.78
C ARG A 87 -0.61 21.85 5.00
N SER A 88 0.30 22.22 5.91
CA SER A 88 1.46 21.36 6.16
C SER A 88 1.06 19.99 6.70
N GLU A 89 -0.21 19.81 7.09
CA GLU A 89 -0.78 18.55 7.50
C GLU A 89 -1.40 17.78 6.35
N ASP A 90 -1.41 18.35 5.15
CA ASP A 90 -1.74 17.58 3.95
C ASP A 90 -0.55 16.80 3.43
N THR A 91 0.61 16.93 4.08
CA THR A 91 1.77 16.13 3.75
C THR A 91 1.46 14.66 4.01
N ALA A 92 1.40 13.88 2.94
CA ALA A 92 1.04 12.47 3.02
C ALA A 92 1.41 11.81 1.70
N VAL A 93 1.36 10.47 1.70
CA VAL A 93 1.36 9.70 0.47
C VAL A 93 -0.08 9.51 0.02
N TYR A 94 -0.37 9.86 -1.23
CA TYR A 94 -1.70 9.74 -1.79
C TYR A 94 -1.75 8.53 -2.72
N TYR A 95 -2.75 7.68 -2.52
CA TYR A 95 -2.92 6.48 -3.33
C TYR A 95 -4.22 6.56 -4.11
N CYS A 96 -4.21 6.05 -5.32
CA CYS A 96 -5.45 5.63 -5.96
C CYS A 96 -5.64 4.14 -5.72
N ALA A 97 -6.89 3.71 -5.67
CA ALA A 97 -7.16 2.30 -5.41
C ALA A 97 -8.41 1.86 -6.17
N ARG A 98 -8.56 0.54 -6.26
CA ARG A 98 -9.53 -0.11 -7.11
C ARG A 98 -9.99 -1.37 -6.41
N GLU A 99 -11.26 -1.72 -6.60
CA GLU A 99 -11.78 -2.93 -6.00
C GLU A 99 -11.43 -4.16 -6.86
N GLY A 100 -11.74 -5.34 -6.33
CA GLY A 100 -11.56 -6.56 -7.06
C GLY A 100 -12.60 -6.70 -8.15
N ASP A 101 -12.61 -7.88 -8.78
CA ASP A 101 -13.55 -8.11 -9.87
C ASP A 101 -14.99 -8.24 -9.36
N PHE A 102 -15.56 -7.12 -8.93
CA PHE A 102 -16.87 -7.09 -8.29
C PHE A 102 -17.73 -6.03 -8.97
N TYR A 103 -19.01 -5.99 -8.58
CA TYR A 103 -19.83 -4.82 -8.85
C TYR A 103 -19.33 -3.64 -8.02
N ALA A 104 -19.78 -2.44 -8.39
CA ALA A 104 -19.28 -1.23 -7.75
C ALA A 104 -19.67 -1.18 -6.28
N ASN A 105 -18.71 -1.48 -5.39
CA ASN A 105 -18.95 -1.47 -3.96
C ASN A 105 -18.16 -0.39 -3.23
N TYR A 106 -17.32 0.37 -3.94
CA TYR A 106 -16.69 1.60 -3.42
C TYR A 106 -15.73 1.35 -2.27
N GLY A 107 -15.27 0.11 -2.09
CA GLY A 107 -14.37 -0.22 -1.01
C GLY A 107 -15.00 -0.91 0.18
N ARG A 108 -16.30 -1.19 0.12
CA ARG A 108 -16.92 -2.00 1.16
C ARG A 108 -16.32 -3.40 1.19
N LEU A 109 -15.99 -3.94 0.02
CA LEU A 109 -15.36 -5.25 -0.10
C LEU A 109 -13.85 -5.16 -0.28
N GLY A 110 -13.26 -4.03 0.06
CA GLY A 110 -11.80 -3.91 0.09
C GLY A 110 -11.22 -3.36 -1.19
N PHE A 111 -10.10 -2.66 -1.06
CA PHE A 111 -9.35 -2.15 -2.19
C PHE A 111 -8.28 -3.17 -2.58
N ALA A 112 -8.43 -3.77 -3.76
CA ALA A 112 -7.59 -4.88 -4.19
C ALA A 112 -6.39 -4.45 -5.02
N TYR A 113 -6.43 -3.27 -5.63
CA TYR A 113 -5.32 -2.80 -6.46
C TYR A 113 -5.00 -1.36 -6.06
N TRP A 114 -3.74 -1.11 -5.73
CA TRP A 114 -3.29 0.21 -5.30
C TRP A 114 -2.21 0.73 -6.24
N GLY A 115 -2.21 2.05 -6.43
CA GLY A 115 -1.08 2.71 -7.03
C GLY A 115 0.16 2.61 -6.15
N GLN A 116 1.29 3.12 -6.62
CA GLN A 116 2.51 3.04 -5.81
C GLN A 116 2.62 4.17 -4.81
N GLY A 117 1.77 5.18 -4.90
CA GLY A 117 1.78 6.29 -3.96
C GLY A 117 2.48 7.52 -4.51
N THR A 118 1.95 8.70 -4.18
CA THR A 118 2.57 9.98 -4.53
C THR A 118 2.78 10.76 -3.24
N LEU A 119 4.04 10.96 -2.87
CA LEU A 119 4.36 11.73 -1.67
C LEU A 119 4.25 13.22 -1.98
N VAL A 120 3.33 13.90 -1.30
CA VAL A 120 3.14 15.34 -1.43
C VAL A 120 3.58 15.98 -0.11
N THR A 121 4.63 16.79 -0.17
CA THR A 121 5.10 17.52 1.00
C THR A 121 4.67 18.97 0.87
N VAL A 122 3.99 19.47 1.90
CA VAL A 122 3.58 20.87 1.96
C VAL A 122 4.59 21.62 2.82
N SER A 123 5.30 22.56 2.21
CA SER A 123 6.36 23.28 2.89
C SER A 123 6.63 24.57 2.15
N SER A 124 7.11 25.57 2.89
CA SER A 124 7.54 26.82 2.31
C SER A 124 9.00 26.78 1.83
N ALA A 125 9.75 25.76 2.24
CA ALA A 125 11.15 25.67 1.85
C ALA A 125 11.28 25.31 0.38
N SER A 126 12.30 25.86 -0.26
CA SER A 126 12.53 25.60 -1.67
C SER A 126 13.06 24.19 -1.87
N THR A 127 12.57 23.53 -2.92
CA THR A 127 13.06 22.21 -3.27
C THR A 127 14.56 22.27 -3.57
N LYS A 128 15.27 21.18 -3.27
CA LYS A 128 16.71 21.12 -3.50
C LYS A 128 17.10 19.73 -3.99
N GLY A 129 17.84 19.69 -5.10
CA GLY A 129 18.29 18.44 -5.65
C GLY A 129 19.46 17.85 -4.87
N PRO A 130 19.61 16.53 -4.95
CA PRO A 130 20.71 15.88 -4.22
C PRO A 130 22.03 15.92 -4.97
N SER A 131 23.10 15.72 -4.21
CA SER A 131 24.40 15.34 -4.73
C SER A 131 24.56 13.84 -4.52
N VAL A 132 25.18 13.16 -5.48
CA VAL A 132 25.41 11.72 -5.38
C VAL A 132 26.91 11.47 -5.39
N PHE A 133 27.41 10.85 -4.33
CA PHE A 133 28.82 10.52 -4.26
C PHE A 133 29.01 9.02 -4.17
N PRO A 134 30.07 8.49 -4.78
CA PRO A 134 30.29 7.05 -4.75
C PRO A 134 30.86 6.58 -3.41
N LEU A 135 30.44 5.37 -3.03
CA LEU A 135 31.03 4.65 -1.91
C LEU A 135 31.82 3.48 -2.50
N ALA A 136 33.05 3.77 -2.91
CA ALA A 136 33.84 2.82 -3.69
C ALA A 136 34.21 1.59 -2.86
N PRO A 137 34.18 0.40 -3.44
CA PRO A 137 34.72 -0.76 -2.75
C PRO A 137 36.24 -0.71 -2.75
N SER A 138 36.83 -1.28 -1.70
CA SER A 138 38.28 -1.33 -1.52
C SER A 138 38.57 -2.36 -0.45
N SER A 139 39.84 -2.43 -0.04
CA SER A 139 40.23 -3.37 1.01
C SER A 139 39.45 -3.13 2.30
N LYS A 140 39.01 -1.89 2.53
CA LYS A 140 38.31 -1.53 3.75
C LYS A 140 36.83 -1.93 3.74
N SER A 141 36.30 -2.43 2.63
CA SER A 141 34.91 -2.82 2.53
C SER A 141 34.77 -4.20 1.90
N THR A 142 35.63 -5.14 2.29
CA THR A 142 35.47 -6.54 1.93
C THR A 142 35.29 -7.38 3.19
N SER A 143 34.75 -8.58 3.00
CA SER A 143 34.41 -9.46 4.11
C SER A 143 34.17 -10.87 3.59
N GLY A 144 35.17 -11.73 3.69
CA GLY A 144 35.03 -13.12 3.26
C GLY A 144 34.69 -13.29 1.80
N GLY A 145 35.39 -12.57 0.93
CA GLY A 145 35.15 -12.66 -0.49
C GLY A 145 34.02 -11.81 -1.02
N THR A 146 33.19 -11.25 -0.15
CA THR A 146 32.17 -10.31 -0.59
C THR A 146 32.71 -8.89 -0.47
N ALA A 147 32.18 -8.01 -1.31
CA ALA A 147 32.55 -6.61 -1.29
C ALA A 147 31.30 -5.76 -1.17
N ALA A 148 31.39 -4.65 -0.45
CA ALA A 148 30.31 -3.70 -0.32
C ALA A 148 30.65 -2.43 -1.09
N LEU A 149 29.64 -1.87 -1.75
CA LEU A 149 29.79 -0.60 -2.46
C LEU A 149 28.44 0.11 -2.42
N GLY A 150 28.44 1.39 -2.71
CA GLY A 150 27.19 2.09 -2.68
C GLY A 150 27.25 3.49 -3.23
N CYS A 151 26.20 4.25 -2.92
CA CYS A 151 26.06 5.65 -3.28
C CYS A 151 25.63 6.42 -2.04
N LEU A 152 26.13 7.64 -1.91
CA LEU A 152 25.69 8.55 -0.85
C LEU A 152 24.93 9.69 -1.51
N VAL A 153 23.65 9.80 -1.18
CA VAL A 153 22.74 10.79 -1.76
C VAL A 153 22.51 11.85 -0.68
N LYS A 154 23.10 13.02 -0.86
CA LYS A 154 23.26 13.98 0.23
C LYS A 154 22.67 15.34 -0.12
N ASP A 155 22.05 15.96 0.87
CA ASP A 155 21.55 17.34 0.81
C ASP A 155 20.45 17.54 -0.22
N TYR A 156 19.25 17.05 0.09
CA TYR A 156 18.09 17.24 -0.77
C TYR A 156 16.86 17.49 0.09
N PHE A 157 15.89 18.19 -0.48
CA PHE A 157 14.63 18.44 0.20
C PHE A 157 13.58 18.66 -0.87
N PRO A 158 12.37 18.09 -0.72
CA PRO A 158 12.07 17.17 0.37
C PRO A 158 12.30 15.73 -0.06
N GLU A 159 11.81 14.81 0.76
CA GLU A 159 11.74 13.43 0.37
C GLU A 159 10.74 13.28 -0.77
N PRO A 160 10.79 12.16 -1.51
CA PRO A 160 11.76 11.08 -1.40
C PRO A 160 12.74 11.03 -2.56
N VAL A 161 13.84 10.32 -2.39
CA VAL A 161 14.64 9.89 -3.52
C VAL A 161 14.41 8.41 -3.70
N THR A 162 14.45 7.97 -4.95
CA THR A 162 14.48 6.56 -5.29
C THR A 162 15.85 6.21 -5.84
N VAL A 163 16.38 5.07 -5.42
CA VAL A 163 17.67 4.58 -5.89
C VAL A 163 17.44 3.19 -6.47
N SER A 164 17.88 2.99 -7.70
CA SER A 164 17.98 1.67 -8.30
C SER A 164 19.43 1.44 -8.71
N TRP A 165 19.77 0.18 -8.99
CA TRP A 165 21.11 -0.18 -9.38
C TRP A 165 21.09 -0.85 -10.74
N ASN A 166 21.95 -0.35 -11.65
CA ASN A 166 22.03 -0.86 -13.02
C ASN A 166 20.67 -0.85 -13.69
N SER A 167 19.96 0.27 -13.52
CA SER A 167 18.63 0.47 -14.11
C SER A 167 17.66 -0.64 -13.74
N GLY A 168 17.86 -1.27 -12.59
CA GLY A 168 16.93 -2.24 -12.10
C GLY A 168 17.38 -3.68 -12.23
N ALA A 169 18.47 -3.93 -12.98
CA ALA A 169 18.94 -5.30 -13.16
C ALA A 169 19.65 -5.85 -11.93
N LEU A 170 19.94 -5.00 -10.95
CA LEU A 170 20.57 -5.42 -9.70
C LEU A 170 19.59 -5.06 -8.58
N THR A 171 19.07 -6.10 -7.92
CA THR A 171 18.19 -5.89 -6.78
C THR A 171 18.66 -6.72 -5.59
N SER A 172 19.28 -7.86 -5.88
CA SER A 172 19.73 -8.74 -4.82
C SER A 172 20.84 -8.07 -4.01
N GLY A 173 20.72 -8.12 -2.69
CA GLY A 173 21.75 -7.59 -1.82
C GLY A 173 21.72 -6.09 -1.61
N VAL A 174 20.71 -5.41 -2.13
CA VAL A 174 20.64 -3.96 -2.03
C VAL A 174 20.00 -3.59 -0.69
N HIS A 175 20.58 -2.60 -0.02
CA HIS A 175 19.97 -1.95 1.14
C HIS A 175 19.92 -0.45 0.86
N THR A 176 18.72 0.10 0.83
CA THR A 176 18.57 1.55 0.73
C THR A 176 17.99 2.06 2.03
N PHE A 177 18.80 2.78 2.80
CA PHE A 177 18.47 3.11 4.17
C PHE A 177 17.45 4.25 4.22
N PRO A 178 16.66 4.32 5.30
CA PRO A 178 15.80 5.49 5.50
C PRO A 178 16.65 6.75 5.66
N ALA A 179 16.14 7.86 5.15
CA ALA A 179 16.88 9.11 5.20
C ALA A 179 16.99 9.61 6.64
N VAL A 180 18.08 10.34 6.90
CA VAL A 180 18.20 11.09 8.15
C VAL A 180 18.02 12.56 7.84
N LEU A 181 17.55 13.31 8.83
CA LEU A 181 17.31 14.74 8.71
C LEU A 181 18.52 15.44 9.31
N GLN A 182 19.29 16.13 8.47
CA GLN A 182 20.48 16.81 8.93
C GLN A 182 20.10 18.10 9.67
N SER A 183 21.08 18.62 10.41
CA SER A 183 20.85 19.87 11.15
C SER A 183 20.49 21.02 10.23
N SER A 184 20.79 20.92 8.94
CA SER A 184 20.47 21.95 7.97
C SER A 184 19.07 21.80 7.39
N GLY A 185 18.28 20.84 7.89
CA GLY A 185 16.96 20.60 7.36
C GLY A 185 16.93 19.90 6.02
N LEU A 186 18.07 19.51 5.49
CA LEU A 186 18.18 18.70 4.28
C LEU A 186 18.31 17.23 4.64
N TYR A 187 17.87 16.37 3.74
CA TYR A 187 17.92 14.93 3.94
C TYR A 187 19.18 14.34 3.31
N SER A 188 19.50 13.13 3.76
CA SER A 188 20.66 12.42 3.23
C SER A 188 20.43 10.94 3.49
N LEU A 189 20.71 10.11 2.47
CA LEU A 189 20.62 8.66 2.62
C LEU A 189 21.74 7.98 1.84
N SER A 190 21.95 6.69 2.16
CA SER A 190 22.90 5.86 1.47
C SER A 190 22.21 4.59 0.95
N SER A 191 22.69 4.12 -0.19
CA SER A 191 22.24 2.87 -0.78
C SER A 191 23.46 1.99 -1.00
N VAL A 192 23.43 0.77 -0.46
CA VAL A 192 24.56 -0.13 -0.55
C VAL A 192 24.14 -1.44 -1.18
N VAL A 193 25.14 -2.16 -1.70
CA VAL A 193 24.93 -3.49 -2.27
C VAL A 193 26.18 -4.31 -1.96
N THR A 194 25.99 -5.60 -1.72
CA THR A 194 27.11 -6.53 -1.59
C THR A 194 27.18 -7.41 -2.84
N VAL A 195 28.39 -7.54 -3.37
CA VAL A 195 28.64 -8.25 -4.62
C VAL A 195 29.89 -9.09 -4.42
N PRO A 196 30.21 -10.05 -5.29
CA PRO A 196 31.47 -10.76 -5.14
C PRO A 196 32.64 -9.82 -5.36
N SER A 197 33.64 -9.92 -4.49
CA SER A 197 34.83 -9.10 -4.69
C SER A 197 35.64 -9.58 -5.89
N SER A 198 35.46 -10.84 -6.31
CA SER A 198 36.23 -11.39 -7.42
C SER A 198 35.89 -10.72 -8.74
N SER A 199 34.62 -10.36 -8.95
CA SER A 199 34.18 -9.80 -10.22
C SER A 199 34.20 -8.27 -10.23
N LEU A 200 34.93 -7.63 -9.32
CA LEU A 200 34.96 -6.17 -9.28
C LEU A 200 35.59 -5.59 -10.53
N GLY A 201 36.47 -6.36 -11.19
CA GLY A 201 37.15 -5.88 -12.38
C GLY A 201 36.37 -6.07 -13.66
N THR A 202 35.37 -6.94 -13.66
CA THR A 202 34.58 -7.22 -14.86
C THR A 202 33.15 -6.71 -14.81
N GLN A 203 32.60 -6.45 -13.63
CA GLN A 203 31.22 -6.00 -13.53
C GLN A 203 31.17 -4.48 -13.41
N THR A 204 30.02 -3.92 -13.76
CA THR A 204 29.82 -2.48 -13.73
C THR A 204 28.61 -2.17 -12.85
N TYR A 205 28.81 -1.25 -11.90
CA TYR A 205 27.78 -0.89 -10.94
C TYR A 205 27.47 0.59 -11.04
N ILE A 206 26.24 0.91 -11.44
CA ILE A 206 25.74 2.27 -11.54
C ILE A 206 24.50 2.38 -10.65
N CYS A 207 24.49 3.38 -9.78
CA CYS A 207 23.28 3.69 -9.03
C CYS A 207 22.51 4.78 -9.77
N ASN A 208 21.20 4.58 -9.86
CA ASN A 208 20.32 5.52 -10.55
C ASN A 208 19.52 6.26 -9.48
N VAL A 209 19.78 7.55 -9.35
CA VAL A 209 19.18 8.37 -8.30
C VAL A 209 18.17 9.31 -8.96
N ASN A 210 16.92 9.24 -8.50
CA ASN A 210 15.87 10.09 -9.02
C ASN A 210 15.25 10.87 -7.88
N HIS A 211 15.28 12.20 -7.96
CA HIS A 211 14.63 13.08 -7.00
C HIS A 211 13.60 13.91 -7.77
N LYS A 212 12.37 13.41 -7.82
CA LYS A 212 11.34 14.00 -8.67
C LYS A 212 10.88 15.39 -8.24
N PRO A 213 10.83 15.72 -6.93
CA PRO A 213 10.48 17.10 -6.57
C PRO A 213 11.35 18.16 -7.22
N SER A 214 12.65 17.91 -7.38
CA SER A 214 13.52 18.84 -8.07
C SER A 214 13.79 18.42 -9.52
N ASN A 215 13.15 17.35 -9.98
CA ASN A 215 13.39 16.80 -11.31
C ASN A 215 14.89 16.58 -11.55
N THR A 216 15.53 15.95 -10.56
CA THR A 216 16.94 15.60 -10.64
C THR A 216 17.07 14.10 -10.90
N LYS A 217 17.78 13.75 -11.97
CA LYS A 217 18.10 12.37 -12.30
C LYS A 217 19.61 12.26 -12.43
N VAL A 218 20.21 11.31 -11.72
CA VAL A 218 21.65 11.18 -11.66
C VAL A 218 22.04 9.71 -11.72
N ASP A 219 22.96 9.39 -12.62
CA ASP A 219 23.57 8.07 -12.70
C ASP A 219 25.02 8.19 -12.27
N LYS A 220 25.41 7.37 -11.28
CA LYS A 220 26.75 7.41 -10.71
C LYS A 220 27.38 6.03 -10.85
N LYS A 221 28.49 5.97 -11.57
CA LYS A 221 29.26 4.75 -11.71
C LYS A 221 30.20 4.61 -10.51
N VAL A 222 30.14 3.47 -9.85
CA VAL A 222 30.90 3.24 -8.62
C VAL A 222 32.09 2.36 -9.01
N GLU A 223 33.24 3.00 -9.22
CA GLU A 223 34.45 2.31 -9.65
C GLU A 223 35.24 1.84 -8.42
N PRO A 224 35.78 0.62 -8.45
CA PRO A 224 36.54 0.13 -7.31
C PRO A 224 37.86 0.86 -7.17
N LYS A 225 38.36 0.86 -5.94
CA LYS A 225 39.64 1.45 -5.61
C LYS A 225 40.67 0.35 -5.33
N SER A 226 41.94 0.69 -5.56
CA SER A 226 43.02 -0.25 -5.32
C SER A 226 44.28 0.46 -4.82
N ASP B 1 -18.49 9.33 12.93
CA ASP B 1 -17.75 8.35 12.15
C ASP B 1 -17.44 7.11 12.96
N ILE B 2 -17.17 6.01 12.26
CA ILE B 2 -16.78 4.76 12.89
C ILE B 2 -15.29 4.82 13.17
N GLN B 3 -14.91 4.61 14.43
CA GLN B 3 -13.52 4.61 14.84
C GLN B 3 -13.03 3.17 14.94
N MET B 4 -11.85 2.91 14.37
CA MET B 4 -11.24 1.58 14.39
C MET B 4 -10.06 1.59 15.34
N THR B 5 -9.97 0.55 16.18
CA THR B 5 -8.89 0.43 17.16
C THR B 5 -8.33 -0.97 17.08
N GLN B 6 -7.03 -1.06 16.82
CA GLN B 6 -6.34 -2.34 16.72
C GLN B 6 -5.45 -2.57 17.94
N SER B 7 -5.27 -3.84 18.29
CA SER B 7 -4.33 -4.21 19.34
C SER B 7 -3.71 -5.55 18.99
N PRO B 8 -2.42 -5.78 19.29
CA PRO B 8 -1.52 -4.80 19.91
C PRO B 8 -0.99 -3.79 18.90
N SER B 9 -0.25 -2.79 19.36
CA SER B 9 0.31 -1.81 18.43
C SER B 9 1.49 -2.42 17.66
N SER B 10 2.38 -3.10 18.36
CA SER B 10 3.50 -3.81 17.74
C SER B 10 3.63 -5.17 18.43
N LEU B 11 4.37 -6.07 17.79
CA LEU B 11 4.28 -7.48 18.13
C LEU B 11 5.50 -8.20 17.58
N SER B 12 6.03 -9.14 18.36
CA SER B 12 7.23 -9.88 17.99
C SER B 12 6.97 -11.37 18.20
N ALA B 13 7.35 -12.19 17.24
CA ALA B 13 7.10 -13.62 17.34
C ALA B 13 8.05 -14.38 16.41
N SER B 14 8.31 -15.63 16.76
CA SER B 14 9.23 -16.47 16.01
C SER B 14 8.56 -17.03 14.76
N VAL B 15 9.40 -17.49 13.83
CA VAL B 15 8.90 -18.18 12.65
C VAL B 15 8.15 -19.44 13.08
N GLY B 16 6.94 -19.61 12.56
CA GLY B 16 6.11 -20.74 12.89
C GLY B 16 5.08 -20.48 13.97
N ASP B 17 5.26 -19.42 14.77
CA ASP B 17 4.30 -19.07 15.80
C ASP B 17 2.94 -18.72 15.19
N ARG B 18 1.89 -19.00 15.95
CA ARG B 18 0.58 -18.48 15.62
C ARG B 18 0.48 -17.06 16.16
N VAL B 19 0.07 -16.14 15.30
CA VAL B 19 -0.04 -14.73 15.66
C VAL B 19 -1.49 -14.31 15.44
N THR B 20 -2.03 -13.56 16.39
CA THR B 20 -3.40 -13.10 16.32
C THR B 20 -3.44 -11.63 16.72
N ILE B 21 -4.11 -10.81 15.91
CA ILE B 21 -4.29 -9.40 16.20
C ILE B 21 -5.77 -9.09 16.09
N THR B 22 -6.22 -8.12 16.88
CA THR B 22 -7.63 -7.80 16.98
C THR B 22 -7.90 -6.41 16.46
N CYS B 23 -9.04 -6.26 15.79
CA CYS B 23 -9.57 -4.99 15.35
C CYS B 23 -10.92 -4.78 16.01
N ARG B 24 -11.18 -3.57 16.50
CA ARG B 24 -12.43 -3.25 17.17
C ARG B 24 -12.99 -1.96 16.61
N ALA B 25 -14.28 -1.97 16.29
CA ALA B 25 -14.97 -0.82 15.74
C ALA B 25 -15.90 -0.21 16.79
N SER B 26 -16.12 1.10 16.67
CA SER B 26 -16.92 1.84 17.64
C SER B 26 -18.42 1.56 17.53
N GLN B 27 -18.83 0.70 16.62
CA GLN B 27 -20.23 0.30 16.46
C GLN B 27 -20.26 -0.88 15.51
N ASP B 28 -21.39 -1.58 15.48
CA ASP B 28 -21.52 -2.75 14.62
C ASP B 28 -21.23 -2.37 13.17
N ILE B 29 -20.47 -3.22 12.47
CA ILE B 29 -20.10 -2.98 11.09
C ILE B 29 -20.47 -4.19 10.23
N SER B 30 -21.14 -5.16 10.84
CA SER B 30 -21.84 -6.23 10.11
C SER B 30 -20.89 -7.04 9.22
N ASN B 31 -19.73 -7.40 9.78
CA ASN B 31 -18.72 -8.22 9.11
C ASN B 31 -18.14 -7.55 7.87
N TYR B 32 -18.37 -6.27 7.67
CA TYR B 32 -17.76 -5.53 6.56
C TYR B 32 -16.42 -4.96 7.02
N LEU B 33 -15.50 -5.89 7.28
CA LEU B 33 -14.15 -5.57 7.72
C LEU B 33 -13.13 -6.19 6.77
N ASN B 34 -12.09 -5.43 6.45
CA ASN B 34 -11.05 -5.87 5.53
C ASN B 34 -9.69 -5.71 6.18
N TRP B 35 -8.78 -6.63 5.86
CA TRP B 35 -7.42 -6.60 6.39
C TRP B 35 -6.42 -6.30 5.29
N TYR B 36 -5.47 -5.40 5.58
CA TYR B 36 -4.42 -5.04 4.65
C TYR B 36 -3.05 -5.31 5.27
N GLN B 37 -2.08 -5.56 4.41
CA GLN B 37 -0.69 -5.74 4.78
C GLN B 37 0.12 -4.66 4.08
N GLN B 38 0.93 -3.92 4.84
CA GLN B 38 1.76 -2.87 4.25
C GLN B 38 3.19 -3.01 4.74
N LYS B 39 4.11 -3.09 3.82
CA LYS B 39 5.53 -3.06 4.13
C LYS B 39 6.07 -1.64 3.99
N PRO B 40 7.10 -1.28 4.76
CA PRO B 40 7.55 0.12 4.81
C PRO B 40 7.87 0.68 3.42
N GLY B 41 7.31 1.85 3.13
CA GLY B 41 7.54 2.51 1.86
C GLY B 41 6.78 1.94 0.69
N LYS B 42 5.86 1.00 0.94
CA LYS B 42 5.12 0.30 -0.10
C LYS B 42 3.63 0.57 0.06
N ALA B 43 2.87 0.25 -0.98
CA ALA B 43 1.42 0.36 -0.93
C ALA B 43 0.82 -0.81 -0.17
N PRO B 44 -0.38 -0.65 0.37
CA PRO B 44 -1.03 -1.75 1.08
C PRO B 44 -1.42 -2.88 0.13
N LYS B 45 -1.55 -4.08 0.71
CA LYS B 45 -2.00 -5.25 -0.02
C LYS B 45 -3.20 -5.86 0.68
N LEU B 46 -4.27 -6.05 -0.08
CA LEU B 46 -5.48 -6.65 0.48
C LEU B 46 -5.25 -8.11 0.81
N LEU B 47 -5.52 -8.50 2.06
CA LEU B 47 -5.39 -9.88 2.50
C LEU B 47 -6.74 -10.57 2.62
N LEU B 48 -7.67 -9.96 3.35
CA LEU B 48 -8.98 -10.52 3.62
C LEU B 48 -10.03 -9.45 3.43
N TYR B 49 -11.16 -9.82 2.85
CA TYR B 49 -12.33 -8.97 2.76
C TYR B 49 -13.52 -9.67 3.39
N TYR B 50 -14.44 -8.89 3.94
CA TYR B 50 -15.65 -9.42 4.56
C TYR B 50 -15.31 -10.43 5.64
N THR B 51 -14.45 -10.00 6.57
CA THR B 51 -14.07 -10.73 7.78
C THR B 51 -13.22 -11.97 7.52
N SER B 52 -13.52 -12.77 6.49
CA SER B 52 -12.86 -14.07 6.39
C SER B 52 -12.56 -14.53 4.96
N ARG B 53 -12.82 -13.72 3.94
CA ARG B 53 -12.60 -14.16 2.55
C ARG B 53 -11.17 -13.85 2.14
N LEU B 54 -10.42 -14.89 1.79
CA LEU B 54 -9.06 -14.70 1.28
C LEU B 54 -9.09 -13.99 -0.06
N HIS B 55 -8.36 -12.87 -0.16
CA HIS B 55 -8.12 -12.29 -1.46
C HIS B 55 -7.30 -13.24 -2.31
N SER B 56 -7.55 -13.24 -3.62
CA SER B 56 -6.89 -14.20 -4.49
C SER B 56 -5.38 -13.96 -4.49
N GLY B 57 -4.63 -15.04 -4.28
CA GLY B 57 -3.19 -14.99 -4.17
C GLY B 57 -2.67 -15.05 -2.74
N VAL B 58 -3.46 -14.58 -1.77
CA VAL B 58 -2.99 -14.53 -0.39
C VAL B 58 -2.78 -15.95 0.13
N PRO B 59 -1.62 -16.28 0.69
CA PRO B 59 -1.41 -17.62 1.25
C PRO B 59 -2.43 -17.94 2.33
N SER B 60 -2.74 -19.23 2.45
CA SER B 60 -3.83 -19.69 3.30
C SER B 60 -3.54 -19.55 4.79
N ARG B 61 -2.30 -19.27 5.19
CA ARG B 61 -2.02 -19.11 6.61
C ARG B 61 -2.64 -17.84 7.18
N PHE B 62 -3.19 -16.96 6.34
CA PHE B 62 -3.92 -15.79 6.79
C PHE B 62 -5.41 -16.11 6.91
N SER B 63 -6.04 -15.59 7.95
CA SER B 63 -7.44 -15.88 8.21
C SER B 63 -8.00 -14.85 9.17
N GLY B 64 -9.29 -14.54 9.00
CA GLY B 64 -9.96 -13.60 9.85
C GLY B 64 -11.25 -14.17 10.42
N SER B 65 -11.71 -13.55 11.50
CA SER B 65 -12.97 -13.93 12.11
C SER B 65 -13.47 -12.75 12.94
N GLY B 66 -14.72 -12.85 13.37
CA GLY B 66 -15.32 -11.82 14.18
C GLY B 66 -16.73 -11.48 13.75
N SER B 67 -17.38 -10.60 14.50
CA SER B 67 -18.73 -10.13 14.21
C SER B 67 -19.00 -8.90 15.05
N GLY B 68 -20.01 -8.14 14.63
CA GLY B 68 -20.39 -6.95 15.36
C GLY B 68 -19.29 -5.92 15.42
N THR B 69 -18.58 -5.85 16.54
CA THR B 69 -17.54 -4.86 16.73
C THR B 69 -16.15 -5.45 16.94
N ASP B 70 -16.04 -6.77 17.11
CA ASP B 70 -14.78 -7.41 17.47
C ASP B 70 -14.39 -8.39 16.38
N TYR B 71 -13.21 -8.18 15.82
CA TYR B 71 -12.69 -9.02 14.74
C TYR B 71 -11.21 -9.28 14.97
N THR B 72 -10.74 -10.42 14.47
CA THR B 72 -9.34 -10.79 14.61
C THR B 72 -8.79 -11.28 13.29
N LEU B 73 -7.50 -11.02 13.09
CA LEU B 73 -6.72 -11.63 12.02
C LEU B 73 -5.71 -12.59 12.64
N THR B 74 -5.52 -13.74 12.00
CA THR B 74 -4.62 -14.75 12.52
C THR B 74 -3.73 -15.30 11.43
N ILE B 75 -2.41 -15.30 11.70
CA ILE B 75 -1.43 -15.97 10.87
C ILE B 75 -1.06 -17.26 11.58
N SER B 76 -1.35 -18.39 10.94
CA SER B 76 -1.21 -19.68 11.63
C SER B 76 0.25 -20.02 11.89
N SER B 77 1.09 -19.95 10.86
CA SER B 77 2.52 -20.27 10.97
C SER B 77 3.32 -19.08 10.44
N LEU B 78 3.73 -18.18 11.35
CA LEU B 78 4.38 -16.93 10.97
C LEU B 78 5.63 -17.16 10.13
N GLN B 79 5.77 -16.39 9.06
CA GLN B 79 6.87 -16.50 8.11
C GLN B 79 7.70 -15.22 8.08
N PRO B 80 8.96 -15.29 7.62
CA PRO B 80 9.77 -14.07 7.54
C PRO B 80 9.16 -12.98 6.67
N GLU B 81 8.55 -13.35 5.54
CA GLU B 81 7.94 -12.35 4.66
C GLU B 81 6.64 -11.80 5.20
N ASP B 82 6.24 -12.18 6.40
CA ASP B 82 5.07 -11.61 7.04
C ASP B 82 5.40 -10.37 7.86
N PHE B 83 6.68 -9.98 7.95
CA PHE B 83 7.02 -8.70 8.54
C PHE B 83 6.31 -7.59 7.79
N ALA B 84 5.55 -6.78 8.53
CA ALA B 84 4.76 -5.68 7.96
C ALA B 84 3.93 -5.04 9.06
N THR B 85 3.17 -4.01 8.70
CA THR B 85 2.09 -3.50 9.53
C THR B 85 0.77 -3.92 8.92
N TYR B 86 -0.13 -4.42 9.76
CA TYR B 86 -1.44 -4.89 9.31
C TYR B 86 -2.51 -3.90 9.75
N PHE B 87 -3.36 -3.51 8.79
CA PHE B 87 -4.42 -2.52 8.99
C PHE B 87 -5.78 -3.18 8.77
N CYS B 88 -6.75 -2.81 9.60
CA CYS B 88 -8.12 -3.17 9.31
C CYS B 88 -8.86 -1.98 8.73
N GLN B 89 -9.93 -2.26 8.00
CA GLN B 89 -10.74 -1.23 7.36
C GLN B 89 -12.19 -1.67 7.39
N GLN B 90 -13.05 -0.83 7.95
CA GLN B 90 -14.49 -1.09 7.95
C GLN B 90 -15.10 -0.59 6.65
N GLY B 91 -15.89 -1.44 6.02
CA GLY B 91 -16.61 -1.08 4.80
C GLY B 91 -18.07 -0.80 5.01
N ALA B 92 -18.52 -0.67 6.26
CA ALA B 92 -19.94 -0.54 6.57
C ALA B 92 -20.50 0.80 6.10
N GLY B 93 -20.05 1.89 6.69
CA GLY B 93 -20.59 3.20 6.37
C GLY B 93 -19.52 4.21 6.01
N PHE B 94 -19.91 5.15 5.16
CA PHE B 94 -19.05 6.26 4.81
C PHE B 94 -18.95 7.24 5.98
N PRO B 95 -17.79 7.89 6.16
CA PRO B 95 -16.58 7.62 5.38
C PRO B 95 -15.91 6.34 5.86
N TYR B 96 -15.32 5.58 4.95
CA TYR B 96 -14.62 4.37 5.35
C TYR B 96 -13.39 4.72 6.17
N THR B 97 -13.12 3.93 7.19
CA THR B 97 -12.10 4.25 8.18
C THR B 97 -11.20 3.04 8.42
N PHE B 98 -9.97 3.32 8.80
CA PHE B 98 -8.93 2.32 8.99
C PHE B 98 -8.48 2.29 10.44
N GLY B 99 -8.08 1.12 10.90
CA GLY B 99 -7.38 1.01 12.17
C GLY B 99 -6.02 1.70 12.12
N GLY B 100 -5.44 1.86 13.31
CA GLY B 100 -4.13 2.47 13.45
C GLY B 100 -2.96 1.56 13.11
N GLY B 101 -3.22 0.27 12.90
CA GLY B 101 -2.21 -0.64 12.42
C GLY B 101 -1.44 -1.39 13.50
N THR B 102 -1.12 -2.66 13.23
CA THR B 102 -0.30 -3.48 14.10
C THR B 102 0.97 -3.87 13.35
N LYS B 103 2.12 -3.56 13.94
CA LYS B 103 3.41 -3.93 13.39
C LYS B 103 3.76 -5.35 13.84
N VAL B 104 4.18 -6.19 12.91
CA VAL B 104 4.56 -7.57 13.21
C VAL B 104 6.01 -7.76 12.79
N GLU B 105 6.88 -8.08 13.76
CA GLU B 105 8.27 -8.34 13.49
C GLU B 105 8.65 -9.74 13.94
N ILE B 106 9.71 -10.28 13.32
CA ILE B 106 10.12 -11.66 13.50
C ILE B 106 11.22 -11.74 14.55
N LYS B 107 11.11 -12.71 15.44
CA LYS B 107 12.21 -13.09 16.33
C LYS B 107 13.04 -14.18 15.65
N ARG B 108 14.35 -13.96 15.57
CA ARG B 108 15.23 -14.96 14.99
C ARG B 108 16.47 -15.06 15.87
N THR B 109 17.46 -15.83 15.39
CA THR B 109 18.66 -16.05 16.19
C THR B 109 19.61 -14.87 16.04
N VAL B 110 20.60 -14.83 16.92
CA VAL B 110 21.60 -13.77 16.90
C VAL B 110 22.46 -13.91 15.65
N ALA B 111 22.68 -12.79 14.95
CA ALA B 111 23.53 -12.76 13.77
C ALA B 111 24.44 -11.55 13.86
N ALA B 112 25.73 -11.77 13.63
CA ALA B 112 26.67 -10.67 13.78
C ALA B 112 26.67 -9.77 12.54
N PRO B 113 27.00 -8.51 12.70
CA PRO B 113 27.14 -7.63 11.54
C PRO B 113 28.43 -7.90 10.78
N SER B 114 28.34 -7.73 9.46
CA SER B 114 29.52 -7.53 8.64
C SER B 114 29.74 -6.02 8.55
N VAL B 115 30.97 -5.58 8.82
CA VAL B 115 31.27 -4.16 8.96
C VAL B 115 32.15 -3.71 7.81
N PHE B 116 31.80 -2.56 7.22
CA PHE B 116 32.53 -1.96 6.12
C PHE B 116 32.68 -0.47 6.39
N ILE B 117 33.79 0.11 5.94
CA ILE B 117 34.04 1.53 6.10
C ILE B 117 34.40 2.12 4.75
N PHE B 118 33.94 3.35 4.49
CA PHE B 118 34.14 4.02 3.20
C PHE B 118 34.73 5.40 3.44
N PRO B 119 35.92 5.70 2.92
CA PRO B 119 36.43 7.07 3.00
C PRO B 119 35.59 8.00 2.15
N PRO B 120 35.71 9.32 2.34
CA PRO B 120 35.00 10.25 1.46
C PRO B 120 35.49 10.12 0.03
N SER B 121 34.61 10.47 -0.90
CA SER B 121 34.99 10.47 -2.31
C SER B 121 35.69 11.78 -2.66
N ASP B 122 36.50 11.73 -3.73
CA ASP B 122 37.15 12.94 -4.21
C ASP B 122 36.14 13.98 -4.67
N GLU B 123 35.03 13.53 -5.27
CA GLU B 123 33.98 14.46 -5.67
C GLU B 123 33.54 15.30 -4.48
N GLN B 124 33.21 14.66 -3.35
CA GLN B 124 32.71 15.41 -2.21
C GLN B 124 33.80 16.29 -1.62
N LEU B 125 35.02 15.75 -1.45
CA LEU B 125 36.12 16.55 -0.94
C LEU B 125 36.33 17.79 -1.79
N LYS B 126 36.17 17.67 -3.11
CA LYS B 126 36.28 18.83 -3.97
C LYS B 126 35.24 19.88 -3.61
N SER B 127 34.07 19.46 -3.14
CA SER B 127 33.03 20.40 -2.73
C SER B 127 33.29 21.01 -1.36
N GLY B 128 34.23 20.49 -0.59
CA GLY B 128 34.59 21.06 0.69
C GLY B 128 34.07 20.33 1.91
N THR B 129 33.47 19.16 1.75
CA THR B 129 32.93 18.39 2.86
C THR B 129 33.46 16.96 2.79
N ALA B 130 33.54 16.30 3.93
CA ALA B 130 34.03 14.94 4.03
C ALA B 130 33.03 14.10 4.81
N SER B 131 32.43 13.11 4.15
CA SER B 131 31.54 12.16 4.81
C SER B 131 32.21 10.79 4.82
N VAL B 132 32.30 10.20 6.01
CA VAL B 132 32.81 8.83 6.20
C VAL B 132 31.62 7.96 6.57
N VAL B 133 31.42 6.88 5.83
CA VAL B 133 30.26 6.01 6.02
C VAL B 133 30.74 4.67 6.56
N CYS B 134 30.06 4.20 7.60
CA CYS B 134 30.30 2.90 8.20
C CYS B 134 29.04 2.07 8.01
N LEU B 135 29.19 0.87 7.45
CA LEU B 135 28.06 0.02 7.13
C LEU B 135 28.09 -1.22 8.00
N LEU B 136 26.95 -1.54 8.61
CA LEU B 136 26.76 -2.76 9.38
C LEU B 136 25.66 -3.55 8.68
N ASN B 137 25.99 -4.73 8.19
CA ASN B 137 25.12 -5.46 7.27
C ASN B 137 24.58 -6.73 7.91
N ASN B 138 23.26 -6.89 7.86
CA ASN B 138 22.56 -8.14 8.15
C ASN B 138 22.95 -8.71 9.51
N PHE B 139 22.47 -8.02 10.53
CA PHE B 139 22.68 -8.41 11.92
C PHE B 139 21.34 -8.54 12.63
N TYR B 140 21.36 -9.20 13.80
CA TYR B 140 20.19 -9.33 14.65
C TYR B 140 20.67 -9.66 16.05
N PRO B 141 20.11 -9.03 17.11
CA PRO B 141 18.98 -8.10 17.14
C PRO B 141 19.33 -6.72 16.58
N ARG B 142 18.33 -5.85 16.44
CA ARG B 142 18.51 -4.58 15.72
C ARG B 142 19.30 -3.53 16.50
N GLU B 143 19.73 -3.80 17.72
CA GLU B 143 20.54 -2.84 18.45
C GLU B 143 22.01 -3.06 18.12
N ALA B 144 22.69 -1.99 17.75
CA ALA B 144 24.13 -2.02 17.52
C ALA B 144 24.70 -0.69 17.98
N LYS B 145 25.85 -0.73 18.64
CA LYS B 145 26.55 0.46 19.06
C LYS B 145 27.69 0.74 18.10
N VAL B 146 27.75 1.98 17.58
CA VAL B 146 28.77 2.41 16.64
C VAL B 146 29.51 3.60 17.26
N GLN B 147 30.82 3.47 17.40
CA GLN B 147 31.67 4.49 17.99
C GLN B 147 32.67 4.95 16.94
N TRP B 148 32.55 6.20 16.50
CA TRP B 148 33.55 6.80 15.64
C TRP B 148 34.76 7.24 16.46
N LYS B 149 35.95 6.93 15.96
CA LYS B 149 37.20 7.37 16.58
C LYS B 149 38.06 8.03 15.51
N VAL B 150 38.62 9.18 15.82
CA VAL B 150 39.51 9.92 14.92
C VAL B 150 40.83 10.14 15.63
N ASP B 151 41.90 9.57 15.09
CA ASP B 151 43.20 9.51 15.76
C ASP B 151 43.02 9.02 17.20
N ASN B 152 42.24 7.95 17.34
CA ASN B 152 41.94 7.26 18.58
C ASN B 152 41.18 8.13 19.58
N ALA B 153 40.63 9.27 19.16
CA ALA B 153 39.81 10.12 20.02
C ALA B 153 38.33 9.88 19.69
N LEU B 154 37.56 9.47 20.69
CA LEU B 154 36.14 9.22 20.46
C LEU B 154 35.44 10.49 20.01
N GLN B 155 34.66 10.37 18.94
CA GLN B 155 33.89 11.48 18.41
C GLN B 155 32.51 11.53 19.03
N SER B 156 31.93 12.72 19.05
CA SER B 156 30.54 12.88 19.46
C SER B 156 30.01 14.17 18.87
N GLY B 157 28.79 14.10 18.33
CA GLY B 157 28.10 15.27 17.81
C GLY B 157 28.22 15.50 16.32
N ASN B 158 28.88 14.60 15.60
CA ASN B 158 29.16 14.82 14.18
C ASN B 158 28.74 13.64 13.30
N SER B 159 27.96 12.69 13.83
CA SER B 159 27.54 11.53 13.07
C SER B 159 26.02 11.38 13.13
N GLN B 160 25.47 10.67 12.14
CA GLN B 160 24.07 10.27 12.13
C GLN B 160 23.95 8.87 11.60
N GLU B 161 22.94 8.14 12.06
CA GLU B 161 22.74 6.76 11.65
C GLU B 161 21.26 6.47 11.45
N SER B 162 20.96 5.58 10.51
CA SER B 162 19.63 5.02 10.36
C SER B 162 19.72 3.50 10.24
N VAL B 163 18.63 2.85 10.62
CA VAL B 163 18.54 1.39 10.56
C VAL B 163 17.43 1.04 9.57
N THR B 164 17.70 0.04 8.73
CA THR B 164 16.70 -0.48 7.82
C THR B 164 15.51 -1.05 8.59
N GLU B 165 14.39 -1.19 7.88
CA GLU B 165 13.34 -2.08 8.36
C GLU B 165 13.87 -3.52 8.39
N GLN B 166 13.15 -4.38 9.09
CA GLN B 166 13.55 -5.78 9.14
C GLN B 166 13.49 -6.40 7.75
N ASP B 167 14.50 -7.22 7.44
CA ASP B 167 14.57 -7.86 6.14
C ASP B 167 13.47 -8.90 5.98
N SER B 168 12.87 -8.95 4.80
CA SER B 168 11.76 -9.85 4.57
C SER B 168 12.18 -11.27 4.23
N LYS B 169 13.47 -11.56 4.10
CA LYS B 169 13.96 -12.90 3.83
C LYS B 169 14.67 -13.53 5.03
N ASP B 170 15.64 -12.84 5.63
CA ASP B 170 16.42 -13.41 6.73
C ASP B 170 16.17 -12.71 8.05
N SER B 171 15.21 -11.79 8.12
CA SER B 171 14.79 -11.13 9.35
C SER B 171 15.91 -10.33 10.02
N THR B 172 16.94 -9.93 9.27
CA THR B 172 18.02 -9.16 9.85
C THR B 172 17.78 -7.67 9.67
N TYR B 173 18.66 -6.87 10.25
CA TYR B 173 18.65 -5.42 10.06
C TYR B 173 20.03 -5.00 9.59
N SER B 174 20.09 -3.82 8.98
CA SER B 174 21.36 -3.23 8.62
C SER B 174 21.39 -1.76 9.06
N LEU B 175 22.59 -1.26 9.29
CA LEU B 175 22.77 0.08 9.82
C LEU B 175 23.82 0.83 9.02
N SER B 176 23.58 2.11 8.81
CA SER B 176 24.55 2.99 8.18
C SER B 176 24.76 4.19 9.10
N SER B 177 26.02 4.55 9.33
CA SER B 177 26.37 5.70 10.14
C SER B 177 27.33 6.58 9.35
N THR B 178 27.09 7.90 9.37
CA THR B 178 27.82 8.85 8.54
C THR B 178 28.48 9.89 9.43
N LEU B 179 29.81 9.83 9.53
CA LEU B 179 30.56 10.90 10.17
C LEU B 179 30.81 12.00 9.15
N THR B 180 30.40 13.22 9.46
CA THR B 180 30.56 14.35 8.53
C THR B 180 31.46 15.41 9.16
N LEU B 181 32.49 15.80 8.41
CA LEU B 181 33.39 16.87 8.79
C LEU B 181 33.57 17.82 7.62
N SER B 182 34.09 19.01 7.90
CA SER B 182 34.58 19.88 6.86
C SER B 182 35.86 19.30 6.27
N LYS B 183 36.14 19.68 5.01
CA LYS B 183 37.36 19.21 4.38
C LYS B 183 38.58 19.57 5.22
N ALA B 184 38.56 20.76 5.84
CA ALA B 184 39.66 21.19 6.69
C ALA B 184 39.82 20.29 7.90
N ASP B 185 38.77 20.16 8.71
CA ASP B 185 38.83 19.29 9.88
C ASP B 185 39.22 17.88 9.49
N TYR B 186 38.69 17.39 8.37
CA TYR B 186 39.03 16.05 7.91
C TYR B 186 40.53 15.93 7.65
N GLU B 187 41.14 16.95 7.06
CA GLU B 187 42.55 16.91 6.72
C GLU B 187 43.46 17.09 7.93
N LYS B 188 42.92 17.59 9.04
CA LYS B 188 43.72 17.74 10.25
C LYS B 188 44.04 16.41 10.93
N HIS B 189 43.58 15.28 10.40
CA HIS B 189 43.78 14.00 11.07
C HIS B 189 44.14 12.92 10.05
N LYS B 190 44.50 11.75 10.56
CA LYS B 190 45.00 10.66 9.73
C LYS B 190 44.13 9.42 9.84
N VAL B 191 43.94 8.88 11.04
CA VAL B 191 43.27 7.60 11.23
C VAL B 191 41.78 7.83 11.47
N TYR B 192 40.94 7.15 10.69
CA TYR B 192 39.49 7.22 10.83
C TYR B 192 38.98 5.80 11.05
N ALA B 193 38.31 5.59 12.18
CA ALA B 193 37.97 4.24 12.61
C ALA B 193 36.50 4.17 13.03
N CYS B 194 35.91 3.00 12.79
CA CYS B 194 34.54 2.69 13.13
C CYS B 194 34.55 1.45 14.02
N GLU B 195 34.09 1.59 15.25
CA GLU B 195 34.08 0.49 16.21
C GLU B 195 32.65 0.06 16.49
N VAL B 196 32.39 -1.25 16.37
CA VAL B 196 31.04 -1.80 16.41
C VAL B 196 30.93 -2.82 17.53
N THR B 197 29.96 -2.61 18.43
CA THR B 197 29.63 -3.54 19.49
C THR B 197 28.26 -4.16 19.19
N HIS B 198 28.16 -5.48 19.29
CA HIS B 198 26.91 -6.16 19.00
C HIS B 198 26.92 -7.52 19.69
N GLN B 199 25.71 -8.01 20.00
CA GLN B 199 25.58 -9.28 20.70
C GLN B 199 26.18 -10.44 19.89
N GLY B 200 26.24 -10.31 18.57
CA GLY B 200 26.79 -11.36 17.75
C GLY B 200 28.30 -11.41 17.67
N LEU B 201 28.98 -10.39 18.21
CA LEU B 201 30.44 -10.30 18.15
C LEU B 201 31.02 -10.64 19.52
N SER B 202 32.05 -11.50 19.53
CA SER B 202 32.68 -11.88 20.79
C SER B 202 33.50 -10.74 21.38
N SER B 203 33.95 -9.80 20.55
CA SER B 203 34.55 -8.56 21.02
C SER B 203 34.31 -7.51 19.96
N PRO B 204 34.31 -6.23 20.33
CA PRO B 204 34.05 -5.17 19.34
C PRO B 204 34.93 -5.27 18.11
N VAL B 205 34.35 -4.96 16.96
CA VAL B 205 35.01 -5.02 15.66
C VAL B 205 35.32 -3.60 15.22
N THR B 206 36.54 -3.37 14.75
CA THR B 206 36.96 -2.06 14.28
C THR B 206 37.43 -2.16 12.84
N LYS B 207 36.92 -1.26 11.99
CA LYS B 207 37.41 -1.05 10.65
C LYS B 207 37.91 0.39 10.55
N SER B 208 39.04 0.59 9.89
CA SER B 208 39.68 1.90 9.86
C SER B 208 40.50 2.05 8.60
N PHE B 209 40.90 3.30 8.34
CA PHE B 209 41.73 3.62 7.19
C PHE B 209 42.54 4.87 7.52
N ASN B 210 43.76 4.94 6.99
CA ASN B 210 44.55 6.15 7.08
C ASN B 210 44.16 7.07 5.93
N ARG B 211 43.91 8.33 6.25
CA ARG B 211 43.57 9.31 5.23
C ARG B 211 44.68 9.36 4.18
N GLY B 212 44.29 9.46 2.93
CA GLY B 212 45.26 9.51 1.84
C GLY B 212 46.03 8.21 1.63
N GLU B 213 45.34 7.07 1.64
CA GLU B 213 45.97 5.81 1.31
C GLU B 213 45.05 4.97 0.42
N GLN C 1 -26.06 2.91 -19.23
CA GLN C 1 -26.75 2.19 -18.15
C GLN C 1 -27.44 0.94 -18.69
N LEU C 2 -27.82 0.04 -17.79
CA LEU C 2 -28.38 -1.24 -18.21
C LEU C 2 -29.76 -1.07 -18.82
N LEU C 3 -30.08 -1.93 -19.79
CA LEU C 3 -31.32 -1.85 -20.54
C LEU C 3 -32.11 -3.15 -20.38
N PHE C 4 -33.43 -3.02 -20.39
CA PHE C 4 -34.33 -4.12 -20.05
C PHE C 4 -35.31 -4.42 -21.18
N ASN C 5 -35.59 -5.71 -21.36
CA ASN C 5 -36.73 -6.18 -22.14
C ASN C 5 -37.96 -6.08 -21.24
N LYS C 6 -38.69 -4.97 -21.35
CA LYS C 6 -39.67 -4.59 -20.35
C LYS C 6 -40.96 -5.42 -20.48
N THR C 7 -41.71 -5.45 -19.38
CA THR C 7 -42.96 -6.20 -19.26
C THR C 7 -43.85 -5.48 -18.26
N LYS C 8 -45.05 -5.09 -18.68
CA LYS C 8 -45.90 -4.27 -17.81
C LYS C 8 -46.39 -5.08 -16.60
N SER C 9 -46.88 -6.30 -16.83
CA SER C 9 -47.43 -7.09 -15.74
C SER C 9 -47.35 -8.56 -16.08
N VAL C 10 -47.51 -9.40 -15.04
CA VAL C 10 -47.72 -10.83 -15.19
C VAL C 10 -48.86 -11.23 -14.25
N GLU C 11 -49.48 -12.36 -14.56
CA GLU C 11 -50.70 -12.78 -13.88
C GLU C 11 -50.57 -14.23 -13.44
N PHE C 12 -51.11 -14.54 -12.26
CA PHE C 12 -51.14 -15.92 -11.80
C PHE C 12 -52.52 -16.21 -11.21
N THR C 13 -52.84 -17.50 -11.17
CA THR C 13 -53.96 -18.03 -10.41
C THR C 13 -53.41 -19.06 -9.43
N PHE C 14 -54.29 -19.66 -8.64
CA PHE C 14 -53.83 -20.70 -7.73
C PHE C 14 -53.56 -22.01 -8.44
N GLY C 15 -53.81 -22.07 -9.75
CA GLY C 15 -53.41 -23.17 -10.60
C GLY C 15 -51.99 -23.10 -11.10
N ASN C 16 -51.29 -22.00 -10.82
CA ASN C 16 -49.88 -21.89 -11.19
C ASN C 16 -49.04 -22.86 -10.37
N ASP C 17 -47.90 -23.23 -10.93
CA ASP C 17 -46.95 -24.09 -10.23
C ASP C 17 -46.09 -23.19 -9.33
N THR C 18 -45.19 -22.44 -9.95
CA THR C 18 -44.48 -21.37 -9.28
C THR C 18 -44.82 -20.05 -9.96
N VAL C 19 -44.74 -18.97 -9.20
CA VAL C 19 -44.91 -17.64 -9.75
C VAL C 19 -43.55 -17.11 -10.18
N VAL C 20 -43.47 -16.61 -11.40
CA VAL C 20 -42.23 -16.10 -11.96
C VAL C 20 -42.47 -14.67 -12.42
N ILE C 21 -41.71 -13.73 -11.86
CA ILE C 21 -41.72 -12.34 -12.30
C ILE C 21 -40.53 -12.12 -13.21
N PRO C 22 -40.74 -11.75 -14.48
CA PRO C 22 -39.62 -11.70 -15.42
C PRO C 22 -38.78 -10.46 -15.26
N CYS C 23 -37.48 -10.61 -15.50
CA CYS C 23 -36.56 -9.49 -15.54
C CYS C 23 -35.41 -9.86 -16.46
N PHE C 24 -35.22 -9.08 -17.53
CA PHE C 24 -34.25 -9.43 -18.57
C PHE C 24 -33.42 -8.22 -18.95
N VAL C 25 -32.13 -8.30 -18.68
CA VAL C 25 -31.17 -7.28 -19.12
C VAL C 25 -30.69 -7.66 -20.51
N THR C 26 -30.84 -6.74 -21.46
CA THR C 26 -30.39 -7.00 -22.81
C THR C 26 -28.88 -6.85 -22.93
N ASN C 27 -28.35 -5.69 -22.52
CA ASN C 27 -26.95 -5.33 -22.70
C ASN C 27 -26.06 -5.85 -21.58
N MET C 28 -26.24 -7.11 -21.18
CA MET C 28 -25.40 -7.67 -20.14
C MET C 28 -23.99 -7.94 -20.68
N GLU C 29 -22.98 -7.57 -19.89
CA GLU C 29 -21.59 -7.76 -20.29
C GLU C 29 -20.74 -8.49 -19.26
N ALA C 30 -21.24 -8.75 -18.06
CA ALA C 30 -20.45 -9.38 -17.03
C ALA C 30 -19.93 -10.75 -17.49
N GLN C 31 -18.79 -11.15 -16.92
CA GLN C 31 -18.21 -12.45 -17.19
C GLN C 31 -18.27 -13.40 -16.00
N ASN C 32 -18.29 -12.87 -14.78
CA ASN C 32 -18.51 -13.65 -13.59
C ASN C 32 -19.65 -13.02 -12.78
N THR C 33 -20.41 -13.88 -12.10
CA THR C 33 -21.53 -13.37 -11.31
C THR C 33 -21.05 -12.52 -10.13
N THR C 34 -19.76 -12.60 -9.78
CA THR C 34 -19.21 -11.70 -8.78
C THR C 34 -19.37 -10.24 -9.17
N GLU C 35 -19.49 -9.96 -10.46
CA GLU C 35 -19.64 -8.60 -10.98
C GLU C 35 -21.07 -8.10 -10.94
N VAL C 36 -22.01 -8.88 -10.40
CA VAL C 36 -23.43 -8.58 -10.50
C VAL C 36 -24.06 -8.57 -9.12
N TYR C 37 -24.97 -7.61 -8.90
CA TYR C 37 -25.82 -7.55 -7.73
C TYR C 37 -27.26 -7.42 -8.21
N VAL C 38 -28.16 -8.24 -7.67
CA VAL C 38 -29.57 -8.25 -8.05
C VAL C 38 -30.41 -7.93 -6.83
N LYS C 39 -31.28 -6.95 -6.93
CA LYS C 39 -32.15 -6.55 -5.84
C LYS C 39 -33.60 -6.49 -6.33
N TRP C 40 -34.51 -7.14 -5.60
CA TRP C 40 -35.94 -7.11 -5.89
C TRP C 40 -36.64 -6.34 -4.79
N LYS C 41 -37.36 -5.28 -5.17
CA LYS C 41 -38.05 -4.44 -4.22
C LYS C 41 -39.56 -4.56 -4.43
N PHE C 42 -40.29 -4.66 -3.32
CA PHE C 42 -41.75 -4.70 -3.35
C PHE C 42 -42.28 -3.78 -2.26
N LYS C 43 -42.97 -2.70 -2.67
CA LYS C 43 -43.56 -1.75 -1.73
C LYS C 43 -42.49 -1.17 -0.80
N GLY C 44 -41.36 -0.78 -1.39
CA GLY C 44 -40.26 -0.19 -0.66
C GLY C 44 -39.23 -1.16 -0.11
N ARG C 45 -39.69 -2.33 0.35
CA ARG C 45 -38.79 -3.28 0.99
C ARG C 45 -37.96 -4.05 -0.04
N ASP C 46 -36.70 -4.28 0.29
CA ASP C 46 -35.88 -5.25 -0.43
C ASP C 46 -36.37 -6.64 -0.03
N ILE C 47 -37.13 -7.30 -0.91
CA ILE C 47 -37.64 -8.62 -0.60
C ILE C 47 -36.75 -9.73 -1.11
N TYR C 48 -35.79 -9.42 -1.98
CA TYR C 48 -34.78 -10.39 -2.38
C TYR C 48 -33.54 -9.64 -2.83
N THR C 49 -32.37 -10.12 -2.39
CA THR C 49 -31.09 -9.65 -2.88
C THR C 49 -30.20 -10.83 -3.15
N PHE C 50 -29.43 -10.73 -4.24
CA PHE C 50 -28.34 -11.66 -4.52
C PHE C 50 -27.04 -10.86 -4.61
N ASP C 51 -26.12 -11.13 -3.70
CA ASP C 51 -24.80 -10.50 -3.71
C ASP C 51 -23.87 -11.42 -4.48
N GLY C 52 -23.58 -11.05 -5.73
CA GLY C 52 -22.74 -11.90 -6.56
C GLY C 52 -21.31 -12.01 -6.05
N ALA C 53 -20.82 -10.95 -5.40
CA ALA C 53 -19.46 -10.97 -4.88
C ALA C 53 -19.31 -11.99 -3.74
N LEU C 54 -20.30 -12.03 -2.84
CA LEU C 54 -20.28 -12.94 -1.71
C LEU C 54 -21.02 -14.24 -1.98
N ASN C 55 -21.56 -14.44 -3.19
CA ASN C 55 -22.40 -15.58 -3.54
C ASN C 55 -23.41 -15.86 -2.43
N LYS C 56 -24.21 -14.84 -2.12
CA LYS C 56 -25.03 -14.82 -0.91
C LYS C 56 -26.39 -14.18 -1.18
N SER C 57 -27.45 -14.94 -0.94
CA SER C 57 -28.83 -14.50 -1.14
C SER C 57 -29.47 -14.14 0.19
N THR C 58 -30.47 -13.25 0.12
CA THR C 58 -31.13 -12.79 1.34
C THR C 58 -32.59 -12.51 1.05
N VAL C 59 -33.47 -13.14 1.83
CA VAL C 59 -34.91 -12.92 1.74
C VAL C 59 -35.46 -12.68 3.14
N PRO C 60 -36.47 -11.82 3.31
CA PRO C 60 -37.13 -11.71 4.61
C PRO C 60 -37.99 -12.93 4.89
N THR C 61 -38.59 -13.00 6.09
CA THR C 61 -39.28 -14.22 6.49
C THR C 61 -40.55 -14.47 5.67
N ASP C 62 -41.29 -13.41 5.37
CA ASP C 62 -42.54 -13.59 4.61
C ASP C 62 -42.30 -13.91 3.14
N PHE C 63 -41.07 -13.78 2.65
CA PHE C 63 -40.70 -14.16 1.30
C PHE C 63 -39.74 -15.35 1.29
N SER C 64 -39.93 -16.27 2.25
CA SER C 64 -39.00 -17.37 2.45
C SER C 64 -38.78 -18.21 1.20
N SER C 65 -39.66 -18.11 0.21
CA SER C 65 -39.58 -18.93 -1.00
C SER C 65 -38.94 -18.21 -2.19
N ALA C 66 -38.63 -16.93 -2.05
CA ALA C 66 -38.15 -16.16 -3.19
C ALA C 66 -36.72 -16.54 -3.56
N LYS C 67 -36.47 -16.67 -4.86
CA LYS C 67 -35.16 -17.02 -5.35
C LYS C 67 -35.03 -16.58 -6.81
N ILE C 68 -33.78 -16.46 -7.25
CA ILE C 68 -33.48 -16.30 -8.67
C ILE C 68 -32.61 -17.47 -9.08
N GLU C 69 -32.58 -17.73 -10.39
CA GLU C 69 -31.77 -18.81 -10.95
C GLU C 69 -30.41 -18.23 -11.30
N VAL C 70 -29.46 -18.36 -10.35
CA VAL C 70 -28.14 -17.75 -10.52
C VAL C 70 -27.44 -18.29 -11.74
N SER C 71 -27.66 -19.57 -12.07
CA SER C 71 -27.10 -20.15 -13.27
C SER C 71 -27.48 -19.39 -14.53
N GLN C 72 -28.59 -18.67 -14.51
CA GLN C 72 -29.08 -17.95 -15.68
C GLN C 72 -28.74 -16.47 -15.66
N LEU C 73 -28.07 -16.00 -14.61
CA LEU C 73 -27.95 -14.56 -14.37
C LEU C 73 -27.07 -13.90 -15.43
N LEU C 74 -26.03 -14.59 -15.88
CA LEU C 74 -25.12 -13.98 -16.84
C LEU C 74 -25.71 -13.86 -18.24
N LYS C 75 -26.84 -14.52 -18.51
CA LYS C 75 -27.54 -14.33 -19.78
C LYS C 75 -28.45 -13.11 -19.77
N GLY C 76 -28.47 -12.34 -18.67
CA GLY C 76 -29.37 -11.22 -18.53
C GLY C 76 -30.64 -11.51 -17.76
N ASP C 77 -30.74 -12.67 -17.13
CA ASP C 77 -31.99 -13.19 -16.58
C ASP C 77 -31.95 -13.09 -15.06
N ALA C 78 -32.65 -12.09 -14.52
CA ALA C 78 -32.77 -11.88 -13.08
C ALA C 78 -34.19 -12.15 -12.59
N SER C 79 -34.89 -13.09 -13.24
CA SER C 79 -36.30 -13.31 -12.95
C SER C 79 -36.49 -13.89 -11.56
N LEU C 80 -37.46 -13.33 -10.83
CA LEU C 80 -37.75 -13.75 -9.48
C LEU C 80 -38.75 -14.91 -9.49
N LYS C 81 -38.51 -15.90 -8.63
CA LYS C 81 -39.36 -17.08 -8.50
C LYS C 81 -39.83 -17.22 -7.06
N MET C 82 -41.10 -17.59 -6.90
CA MET C 82 -41.66 -17.80 -5.57
C MET C 82 -42.85 -18.73 -5.69
N ASP C 83 -43.34 -19.20 -4.55
CA ASP C 83 -44.49 -20.09 -4.52
C ASP C 83 -45.79 -19.28 -4.45
N LYS C 84 -46.93 -19.99 -4.51
CA LYS C 84 -48.22 -19.33 -4.54
C LYS C 84 -48.52 -18.60 -3.23
N SER C 85 -48.12 -19.18 -2.10
CA SER C 85 -48.39 -18.56 -0.81
C SER C 85 -47.78 -17.16 -0.73
N ASP C 86 -46.49 -17.05 -1.05
CA ASP C 86 -45.83 -15.76 -0.98
C ASP C 86 -46.37 -14.79 -2.04
N ALA C 87 -46.76 -15.30 -3.21
CA ALA C 87 -47.20 -14.43 -4.28
C ALA C 87 -48.56 -13.82 -3.99
N VAL C 88 -49.52 -14.62 -3.56
CA VAL C 88 -50.86 -14.08 -3.35
C VAL C 88 -50.88 -13.16 -2.14
N SER C 89 -49.98 -13.38 -1.18
CA SER C 89 -49.86 -12.47 -0.06
C SER C 89 -49.27 -11.12 -0.47
N HIS C 90 -48.58 -11.05 -1.60
CA HIS C 90 -47.84 -9.85 -1.99
C HIS C 90 -48.09 -9.51 -3.46
N THR C 91 -49.33 -9.19 -3.80
CA THR C 91 -49.66 -8.72 -5.14
C THR C 91 -49.42 -7.21 -5.24
N GLY C 92 -48.86 -6.79 -6.37
CA GLY C 92 -48.59 -5.38 -6.57
C GLY C 92 -47.40 -5.20 -7.49
N ASN C 93 -46.77 -4.04 -7.36
CA ASN C 93 -45.67 -3.63 -8.23
C ASN C 93 -44.33 -4.08 -7.64
N TYR C 94 -43.54 -4.77 -8.46
CA TYR C 94 -42.20 -5.23 -8.09
C TYR C 94 -41.16 -4.46 -8.89
N THR C 95 -40.03 -4.18 -8.25
CA THR C 95 -38.91 -3.52 -8.93
C THR C 95 -37.74 -4.49 -8.99
N CYS C 96 -37.18 -4.64 -10.17
CA CYS C 96 -35.99 -5.45 -10.40
C CYS C 96 -34.85 -4.49 -10.69
N GLU C 97 -33.92 -4.37 -9.74
CA GLU C 97 -32.75 -3.51 -9.88
C GLU C 97 -31.52 -4.39 -10.05
N VAL C 98 -30.80 -4.21 -11.16
CA VAL C 98 -29.61 -4.99 -11.46
C VAL C 98 -28.40 -4.06 -11.49
N THR C 99 -27.33 -4.47 -10.82
CA THR C 99 -26.05 -3.77 -10.86
C THR C 99 -25.03 -4.70 -11.51
N GLU C 100 -24.32 -4.18 -12.52
CA GLU C 100 -23.27 -4.93 -13.20
C GLU C 100 -22.06 -4.03 -13.35
N LEU C 101 -20.97 -4.38 -12.65
CA LEU C 101 -19.78 -3.56 -12.61
C LEU C 101 -20.12 -2.13 -12.21
N THR C 102 -19.87 -1.16 -13.09
CA THR C 102 -20.18 0.23 -12.80
C THR C 102 -21.51 0.69 -13.36
N ARG C 103 -22.26 -0.21 -13.99
CA ARG C 103 -23.55 0.13 -14.58
C ARG C 103 -24.70 -0.37 -13.71
N GLU C 104 -25.85 0.29 -13.85
CA GLU C 104 -27.02 -0.15 -13.13
C GLU C 104 -28.28 0.26 -13.89
N GLY C 105 -29.37 -0.43 -13.56
CA GLY C 105 -30.66 -0.12 -14.12
C GLY C 105 -31.74 -0.89 -13.38
N GLU C 106 -32.98 -0.44 -13.58
CA GLU C 106 -34.10 -1.10 -12.93
C GLU C 106 -35.30 -1.12 -13.88
N THR C 107 -36.27 -1.96 -13.54
CA THR C 107 -37.50 -2.08 -14.31
C THR C 107 -38.61 -2.52 -13.36
N ILE C 108 -39.85 -2.24 -13.75
CA ILE C 108 -41.01 -2.52 -12.92
C ILE C 108 -41.90 -3.55 -13.60
N ILE C 109 -42.43 -4.46 -12.80
CA ILE C 109 -43.41 -5.45 -13.22
C ILE C 109 -44.51 -5.47 -12.17
N GLU C 110 -45.77 -5.51 -12.61
CA GLU C 110 -46.90 -5.65 -11.70
C GLU C 110 -47.30 -7.12 -11.61
N LEU C 111 -47.41 -7.63 -10.41
CA LEU C 111 -47.89 -8.99 -10.20
C LEU C 111 -49.39 -8.94 -9.99
N LYS C 112 -50.12 -9.62 -10.87
CA LYS C 112 -51.58 -9.64 -10.84
C LYS C 112 -52.08 -11.02 -10.43
N TYR C 113 -53.14 -11.04 -9.64
CA TYR C 113 -53.74 -12.27 -9.12
C TYR C 113 -55.17 -12.35 -9.62
N ARG C 114 -55.47 -13.41 -10.36
CA ARG C 114 -56.79 -13.62 -10.96
C ARG C 114 -57.44 -14.82 -10.27
N VAL C 115 -58.64 -14.62 -9.74
CA VAL C 115 -59.45 -15.71 -9.22
C VAL C 115 -60.25 -16.31 -10.36
N VAL C 116 -60.23 -17.63 -10.47
CA VAL C 116 -60.93 -18.31 -11.55
C VAL C 116 -62.42 -18.44 -11.24
C1 NAG D . -48.86 -18.99 -14.48
C2 NAG D . -47.82 -17.96 -14.92
C3 NAG D . -48.05 -17.56 -16.37
C4 NAG D . -48.11 -18.79 -17.27
C5 NAG D . -49.14 -19.79 -16.75
C6 NAG D . -49.15 -21.10 -17.49
C7 NAG D . -46.81 -16.45 -13.27
C8 NAG D . -46.99 -15.18 -12.48
N2 NAG D . -47.84 -16.78 -14.06
O3 NAG D . -47.03 -16.67 -16.80
O4 NAG D . -48.49 -18.39 -18.58
O5 NAG D . -48.85 -20.11 -15.38
O6 NAG D . -50.07 -22.01 -16.93
O7 NAG D . -45.81 -17.14 -13.18
C1 NAG D . -47.49 -18.80 -19.54
C2 NAG D . -48.03 -18.45 -20.92
C3 NAG D . -47.01 -18.80 -21.99
C4 NAG D . -45.66 -18.17 -21.69
C5 NAG D . -45.22 -18.53 -20.26
C6 NAG D . -43.94 -17.83 -19.85
C7 NAG D . -50.48 -18.52 -21.08
C8 NAG D . -50.46 -17.05 -20.74
N2 NAG D . -49.29 -19.13 -21.15
O3 NAG D . -47.49 -18.33 -23.25
O4 NAG D . -44.69 -18.64 -22.61
O5 NAG D . -46.23 -18.13 -19.33
O6 NAG D . -44.02 -16.44 -20.09
O7 NAG D . -51.53 -19.12 -21.28
C1 FUC D . -51.40 -21.71 -17.44
C2 FUC D . -52.23 -23.04 -17.52
C3 FUC D . -52.98 -23.47 -16.21
C4 FUC D . -53.30 -22.34 -15.19
C5 FUC D . -52.31 -21.18 -15.27
C6 FUC D . -52.85 -19.94 -14.54
O2 FUC D . -51.41 -24.12 -18.01
O3 FUC D . -54.26 -24.03 -16.58
O4 FUC D . -54.62 -21.85 -15.37
O5 FUC D . -52.08 -20.76 -16.62
C1 NAG E . -15.98 -16.99 -11.26
C2 NAG E . -15.79 -18.13 -12.28
C3 NAG E . -15.79 -19.49 -11.58
C4 NAG E . -14.74 -19.50 -10.47
C5 NAG E . -14.96 -18.32 -9.51
C6 NAG E . -13.92 -18.22 -8.43
C7 NAG E . -16.65 -18.39 -14.57
C8 NAG E . -17.85 -18.27 -15.46
N2 NAG E . -16.84 -18.07 -13.29
O3 NAG E . -15.52 -20.51 -12.52
O4 NAG E . -14.81 -20.71 -9.74
O5 NAG E . -14.94 -17.09 -10.25
O6 NAG E . -13.65 -16.85 -8.14
O7 NAG E . -15.56 -18.77 -14.99
C1 FUC E . -12.65 -16.71 -7.12
C2 FUC E . -11.31 -16.39 -7.79
C3 FUC E . -11.45 -15.11 -8.63
C4 FUC E . -11.96 -13.93 -7.74
C5 FUC E . -13.22 -14.40 -6.91
C6 FUC E . -13.69 -13.40 -5.83
O2 FUC E . -10.82 -17.47 -8.58
O3 FUC E . -10.20 -14.73 -9.18
O4 FUC E . -10.93 -13.46 -6.87
O5 FUC E . -13.02 -15.68 -6.25
C1 NAG F . -22.33 -20.25 -5.37
C2 NAG F . -21.24 -21.19 -5.95
C3 NAG F . -21.86 -22.48 -6.51
C4 NAG F . -22.78 -23.14 -5.48
C5 NAG F . -23.84 -22.13 -5.05
C6 NAG F . -24.79 -22.70 -4.02
C7 NAG F . -19.35 -19.85 -6.73
C8 NAG F . -18.68 -19.22 -7.92
N2 NAG F . -20.46 -20.52 -6.98
O3 NAG F . -20.83 -23.39 -6.88
O4 NAG F . -23.42 -24.28 -6.04
O5 NAG F . -23.19 -21.00 -4.45
O6 NAG F . -24.79 -21.92 -2.83
O7 NAG F . -18.88 -19.75 -5.61
C1 FUC F . -26.16 -21.72 -2.43
C2 FUC F . -26.14 -21.20 -0.98
C3 FUC F . -25.50 -19.80 -0.91
C4 FUC F . -26.18 -18.82 -1.89
C5 FUC F . -26.31 -19.44 -3.32
C6 FUC F . -27.23 -18.65 -4.25
O2 FUC F . -25.48 -22.11 -0.09
O3 FUC F . -25.63 -19.27 0.41
O4 FUC F . -27.44 -18.39 -1.39
O5 FUC F . -26.81 -20.81 -3.30
CL CL G . 16.09 -3.76 3.28
CL CL H . 17.85 4.32 15.35
C1 NAG I . -48.46 -0.24 -10.22
C2 NAG I . -49.80 0.06 -9.53
C3 NAG I . -50.76 0.72 -10.50
C4 NAG I . -50.13 1.97 -11.10
C5 NAG I . -48.80 1.61 -11.77
C6 NAG I . -48.06 2.82 -12.27
C7 NAG I . -50.41 -1.42 -7.67
C8 NAG I . -49.77 -0.40 -6.77
N2 NAG I . -50.38 -1.15 -8.98
O3 NAG I . -51.96 1.06 -9.81
O4 NAG I . -51.01 2.53 -12.07
O5 NAG I . -47.94 0.98 -10.81
O6 NAG I . -46.66 2.60 -12.32
O7 NAG I . -50.92 -2.44 -7.22
#